data_4XIV
#
_entry.id   4XIV
#
_cell.length_a   66.412
_cell.length_b   131.405
_cell.length_c   147.041
_cell.angle_alpha   90.00
_cell.angle_beta   90.00
_cell.angle_gamma   90.00
#
_symmetry.space_group_name_H-M   'P 21 21 21'
#
loop_
_entity.id
_entity.type
_entity.pdbx_description
1 polymer 'Chemotaxis protein CheA'
2 non-polymer 'PHOSPHOMETHYLPHOSPHONIC ACID ADENYLATE ESTER'
3 non-polymer "ADENOSINE-5'-DIPHOSPHATE"
#
_entity_poly.entity_id   1
_entity_poly.type   'polypeptide(L)'
_entity_poly.pdbx_seq_one_letter_code
;KKVISQTVRVDIEKLDNLMDLMGELVIARSRILETLKKYNIKELDESLSHLSRITLDLQNVVMKIRMVPISFVFNRFPRM
VRDLAKKMNKEVNFIMRGEDTELDRTFVEEIGEPLLHLLRNAIDHGIEPKEERIAKGKPPIGTLILSARHEGNNVVIEVE
DDGRGIDKEKIIRKAIEKGLIDESKAATLSDQEILNFLFVPGFSTKEKVSEVSGRGVGMDVVKNVVESLNGSISIESEKD
KGTKVTIRLPLT
;
_entity_poly.pdbx_strand_id   A,B
#
loop_
_chem_comp.id
_chem_comp.type
_chem_comp.name
_chem_comp.formula
ACP non-polymer 'PHOSPHOMETHYLPHOSPHONIC ACID ADENYLATE ESTER' 'C11 H18 N5 O12 P3'
ADP non-polymer ADENOSINE-5'-DIPHOSPHATE 'C10 H15 N5 O10 P2'
#
# COMPACT_ATOMS: atom_id res chain seq x y z
N VAL A 3 -9.23 4.49 -19.32
CA VAL A 3 -8.55 5.39 -18.39
C VAL A 3 -8.77 4.93 -16.95
N ILE A 4 -7.80 5.17 -16.08
CA ILE A 4 -7.70 4.47 -14.80
C ILE A 4 -7.54 5.42 -13.59
N SER A 5 -8.02 5.01 -12.41
CA SER A 5 -7.87 5.81 -11.19
C SER A 5 -6.99 5.03 -10.20
N GLN A 6 -5.93 5.64 -9.65
CA GLN A 6 -4.92 4.81 -8.99
C GLN A 6 -5.11 4.48 -7.52
N THR A 7 -4.00 4.63 -6.80
CA THR A 7 -3.56 3.64 -5.82
C THR A 7 -4.25 3.68 -4.46
N VAL A 8 -4.06 2.59 -3.71
CA VAL A 8 -5.04 2.18 -2.70
C VAL A 8 -4.68 2.38 -1.21
N ARG A 9 -5.69 2.75 -0.40
CA ARG A 9 -5.50 2.89 1.03
C ARG A 9 -5.80 1.58 1.74
N VAL A 10 -4.98 1.29 2.75
CA VAL A 10 -5.22 0.18 3.65
C VAL A 10 -5.25 0.72 5.08
N ASP A 11 -5.50 -0.16 6.05
CA ASP A 11 -5.43 0.24 7.45
C ASP A 11 -4.42 -0.63 8.18
N ILE A 12 -3.91 -0.13 9.30
CA ILE A 12 -2.80 -0.77 10.02
C ILE A 12 -3.02 -2.24 10.31
N GLU A 13 -4.22 -2.57 10.78
CA GLU A 13 -4.54 -3.93 11.22
C GLU A 13 -4.18 -4.97 10.17
N LYS A 14 -4.40 -4.62 8.91
CA LYS A 14 -4.05 -5.51 7.81
C LYS A 14 -2.54 -5.66 7.70
N LEU A 15 -1.83 -4.52 7.70
CA LEU A 15 -0.38 -4.54 7.70
C LEU A 15 0.13 -5.22 8.96
N ASP A 16 -0.56 -4.99 10.08
CA ASP A 16 -0.26 -5.69 11.32
C ASP A 16 -0.43 -7.18 11.12
N ASN A 17 -1.62 -7.58 10.66
CA ASN A 17 -1.88 -8.99 10.37
C ASN A 17 -0.92 -9.56 9.34
N LEU A 18 -0.52 -8.72 8.39
CA LEU A 18 0.41 -9.14 7.35
C LEU A 18 1.79 -9.42 7.93
N MET A 19 2.30 -8.50 8.74
CA MET A 19 3.63 -8.63 9.31
C MET A 19 3.73 -9.80 10.29
N ASP A 20 2.64 -10.10 10.97
CA ASP A 20 2.61 -11.24 11.89
C ASP A 20 2.87 -12.54 11.14
N LEU A 21 2.14 -12.72 10.04
CA LEU A 21 2.28 -13.91 9.22
C LEU A 21 3.65 -13.96 8.54
N MET A 22 4.15 -12.78 8.17
CA MET A 22 5.50 -12.68 7.60
C MET A 22 6.53 -13.22 8.57
N GLY A 23 6.38 -12.87 9.85
CA GLY A 23 7.26 -13.36 10.88
C GLY A 23 7.14 -14.86 11.03
N GLU A 24 5.91 -15.34 11.10
CA GLU A 24 5.63 -16.77 11.20
C GLU A 24 6.20 -17.51 9.99
N LEU A 25 6.14 -16.87 8.82
CA LEU A 25 6.70 -17.43 7.60
C LEU A 25 8.21 -17.62 7.73
N VAL A 26 8.86 -16.62 8.31
CA VAL A 26 10.31 -16.67 8.53
C VAL A 26 10.67 -17.83 9.45
N ILE A 27 9.92 -17.95 10.55
CA ILE A 27 10.12 -19.01 11.53
C ILE A 27 9.97 -20.39 10.90
N ALA A 28 8.88 -20.58 10.17
CA ALA A 28 8.58 -21.86 9.53
C ALA A 28 9.67 -22.25 8.54
N ARG A 29 10.13 -21.28 7.77
CA ARG A 29 11.19 -21.50 6.79
C ARG A 29 12.49 -21.93 7.47
N SER A 30 12.74 -21.40 8.67
CA SER A 30 13.96 -21.70 9.40
C SER A 30 13.95 -23.12 9.97
N ARG A 31 12.80 -23.55 10.46
CA ARG A 31 12.67 -24.87 11.05
C ARG A 31 12.77 -25.95 9.99
N ILE A 32 12.35 -25.62 8.77
CA ILE A 32 12.46 -26.54 7.64
C ILE A 32 13.93 -26.77 7.30
N LEU A 33 14.68 -25.69 7.18
CA LEU A 33 16.09 -25.76 6.83
C LEU A 33 16.90 -26.47 7.92
N GLU A 34 16.40 -26.40 9.15
CA GLU A 34 17.10 -27.02 10.27
C GLU A 34 16.89 -28.52 10.26
N THR A 35 15.66 -28.95 9.95
CA THR A 35 15.31 -30.36 9.91
C THR A 35 16.10 -31.11 8.84
N LEU A 36 16.13 -30.54 7.63
CA LEU A 36 16.74 -31.21 6.49
C LEU A 36 18.22 -30.86 6.35
N LYS A 37 18.79 -30.23 7.38
CA LYS A 37 20.18 -29.81 7.35
C LYS A 37 21.11 -31.03 7.31
N LYS A 38 20.64 -32.16 7.80
CA LYS A 38 21.45 -33.38 7.86
C LYS A 38 21.63 -34.02 6.48
N TYR A 39 20.66 -33.84 5.60
CA TYR A 39 20.74 -34.41 4.26
C TYR A 39 21.64 -33.58 3.34
N ASN A 40 22.38 -34.25 2.46
CA ASN A 40 23.34 -33.59 1.59
C ASN A 40 22.96 -33.65 0.11
N ILE A 41 21.69 -33.92 -0.17
CA ILE A 41 21.19 -34.07 -1.53
C ILE A 41 21.32 -32.77 -2.33
N LYS A 42 21.82 -32.89 -3.56
CA LYS A 42 22.13 -31.74 -4.41
C LYS A 42 20.93 -30.86 -4.72
N GLU A 43 19.92 -31.41 -5.40
CA GLU A 43 18.82 -30.59 -5.89
C GLU A 43 17.76 -30.36 -4.82
N LEU A 44 17.92 -31.01 -3.66
CA LEU A 44 17.07 -30.70 -2.52
C LEU A 44 17.45 -29.31 -2.01
N ASP A 45 18.75 -29.02 -2.04
CA ASP A 45 19.27 -27.73 -1.62
C ASP A 45 18.71 -26.62 -2.50
N GLU A 46 18.62 -26.87 -3.80
CA GLU A 46 18.12 -25.89 -4.74
C GLU A 46 16.61 -25.68 -4.55
N SER A 47 15.92 -26.72 -4.12
CA SER A 47 14.49 -26.63 -3.85
C SER A 47 14.25 -25.80 -2.59
N LEU A 48 15.15 -25.95 -1.62
CA LEU A 48 15.08 -25.18 -0.37
C LEU A 48 15.53 -23.74 -0.59
N SER A 49 16.65 -23.59 -1.30
CA SER A 49 17.18 -22.27 -1.61
C SER A 49 16.18 -21.43 -2.40
N HIS A 50 15.43 -22.10 -3.27
CA HIS A 50 14.38 -21.44 -4.03
C HIS A 50 13.31 -20.88 -3.09
N LEU A 51 12.89 -21.72 -2.14
CA LEU A 51 11.89 -21.32 -1.15
C LEU A 51 12.36 -20.11 -0.34
N SER A 52 13.60 -20.15 0.10
CA SER A 52 14.20 -19.04 0.84
C SER A 52 14.17 -17.77 0.00
N ARG A 53 14.62 -17.89 -1.24
CA ARG A 53 14.63 -16.78 -2.18
C ARG A 53 13.25 -16.14 -2.33
N ILE A 54 12.21 -16.97 -2.35
CA ILE A 54 10.85 -16.47 -2.47
C ILE A 54 10.45 -15.68 -1.24
N THR A 55 10.66 -16.27 -0.07
CA THR A 55 10.34 -15.62 1.20
C THR A 55 11.08 -14.29 1.36
N LEU A 56 12.34 -14.27 0.97
CA LEU A 56 13.16 -13.06 1.05
C LEU A 56 12.60 -11.98 0.13
N ASP A 57 12.40 -12.33 -1.14
CA ASP A 57 11.85 -11.39 -2.11
C ASP A 57 10.45 -10.96 -1.70
N LEU A 58 9.70 -11.88 -1.11
CA LEU A 58 8.36 -11.57 -0.62
C LEU A 58 8.43 -10.53 0.49
N GLN A 59 9.33 -10.77 1.45
CA GLN A 59 9.55 -9.83 2.55
C GLN A 59 10.11 -8.52 2.03
N ASN A 60 11.00 -8.61 1.05
CA ASN A 60 11.63 -7.45 0.44
C ASN A 60 10.60 -6.49 -0.15
N VAL A 61 9.51 -7.04 -0.69
CA VAL A 61 8.43 -6.24 -1.21
C VAL A 61 7.62 -5.63 -0.07
N VAL A 62 7.40 -6.42 0.98
CA VAL A 62 6.68 -5.96 2.16
C VAL A 62 7.36 -4.75 2.77
N MET A 63 8.69 -4.80 2.84
CA MET A 63 9.48 -3.70 3.37
C MET A 63 9.33 -2.43 2.53
N LYS A 64 9.11 -2.59 1.23
CA LYS A 64 8.88 -1.45 0.35
C LYS A 64 7.50 -0.85 0.59
N ILE A 65 6.59 -1.66 1.13
CA ILE A 65 5.28 -1.19 1.54
C ILE A 65 5.41 -0.50 2.90
N ARG A 66 6.34 -1.01 3.71
CA ARG A 66 6.61 -0.47 5.03
C ARG A 66 7.13 0.97 4.95
N MET A 67 7.85 1.28 3.88
CA MET A 67 8.45 2.58 3.70
C MET A 67 7.46 3.72 3.90
N VAL A 68 7.89 4.74 4.64
CA VAL A 68 7.03 5.83 5.06
C VAL A 68 7.84 7.12 5.18
N PRO A 69 7.29 8.23 4.67
CA PRO A 69 7.97 9.53 4.78
C PRO A 69 8.14 9.97 6.23
N ILE A 70 9.31 10.52 6.55
CA ILE A 70 9.62 10.93 7.91
C ILE A 70 8.79 12.15 8.31
N SER A 71 8.00 12.66 7.36
CA SER A 71 7.09 13.77 7.62
C SER A 71 6.08 13.45 8.72
N PHE A 72 5.79 12.17 8.89
CA PHE A 72 4.85 11.70 9.91
C PHE A 72 5.26 12.17 11.30
N VAL A 73 6.58 12.33 11.50
CA VAL A 73 7.11 12.80 12.77
C VAL A 73 7.51 14.28 12.68
N PHE A 74 8.21 14.64 11.60
CA PHE A 74 8.71 16.00 11.43
C PHE A 74 7.61 17.05 11.49
N ASN A 75 6.44 16.73 10.96
CA ASN A 75 5.34 17.70 10.92
C ASN A 75 4.83 18.09 12.30
N ARG A 76 5.00 17.20 13.28
CA ARG A 76 4.60 17.49 14.65
C ARG A 76 5.48 18.57 15.27
N PHE A 77 6.70 18.69 14.75
CA PHE A 77 7.75 19.46 15.43
C PHE A 77 7.66 20.99 15.42
N PRO A 78 7.45 21.62 14.24
CA PRO A 78 7.57 23.09 14.19
C PRO A 78 6.73 23.83 15.22
N ARG A 79 5.59 23.26 15.61
CA ARG A 79 4.78 23.86 16.66
C ARG A 79 5.39 23.63 18.04
N MET A 80 5.94 22.43 18.25
CA MET A 80 6.54 22.10 19.53
C MET A 80 7.81 22.91 19.76
N VAL A 81 8.59 23.09 18.69
CA VAL A 81 9.78 23.93 18.75
C VAL A 81 9.38 25.37 19.02
N ARG A 82 8.30 25.80 18.38
CA ARG A 82 7.75 27.14 18.59
C ARG A 82 7.34 27.33 20.04
N ASP A 83 6.59 26.35 20.57
CA ASP A 83 6.10 26.41 21.95
C ASP A 83 7.26 26.38 22.95
N LEU A 84 8.21 25.49 22.72
CA LEU A 84 9.37 25.35 23.60
C LEU A 84 10.18 26.63 23.64
N ALA A 85 10.31 27.29 22.49
CA ALA A 85 11.12 28.48 22.35
C ALA A 85 10.64 29.61 23.27
N LYS A 86 9.34 29.91 23.20
CA LYS A 86 8.80 31.01 23.99
C LYS A 86 8.66 30.64 25.46
N LYS A 87 8.39 29.37 25.73
CA LYS A 87 8.28 28.89 27.10
C LYS A 87 9.61 29.05 27.84
N MET A 88 10.71 28.90 27.11
CA MET A 88 12.04 29.03 27.70
C MET A 88 12.67 30.39 27.40
N ASN A 89 11.84 31.34 26.98
CA ASN A 89 12.28 32.71 26.70
C ASN A 89 13.46 32.77 25.73
N LYS A 90 13.31 32.12 24.58
CA LYS A 90 14.35 32.13 23.55
C LYS A 90 13.74 32.45 22.19
N GLU A 91 14.58 32.95 21.28
CA GLU A 91 14.15 33.23 19.92
C GLU A 91 14.95 32.41 18.94
N VAL A 92 14.28 31.43 18.32
CA VAL A 92 14.97 30.52 17.40
C VAL A 92 14.34 30.52 16.02
N ASN A 93 15.18 30.39 15.00
CA ASN A 93 14.72 30.24 13.65
C ASN A 93 14.86 28.77 13.26
N PHE A 94 13.74 28.06 13.20
CA PHE A 94 13.76 26.61 13.05
C PHE A 94 13.49 26.17 11.62
N ILE A 95 14.41 25.36 11.09
CA ILE A 95 14.35 24.92 9.70
C ILE A 95 14.37 23.39 9.58
N MET A 96 13.39 22.85 8.87
CA MET A 96 13.38 21.42 8.57
C MET A 96 13.79 21.18 7.12
N ARG A 97 14.57 20.13 6.90
CA ARG A 97 15.03 19.79 5.56
C ARG A 97 14.92 18.29 5.31
N GLY A 98 14.47 17.93 4.11
CA GLY A 98 14.38 16.53 3.72
C GLY A 98 13.22 15.79 4.34
N GLU A 99 12.08 16.48 4.48
CA GLU A 99 10.86 15.88 5.02
C GLU A 99 10.41 14.68 4.20
N ASP A 100 10.74 14.70 2.91
CA ASP A 100 10.31 13.66 1.98
C ASP A 100 11.05 12.35 2.17
N THR A 101 12.16 12.39 2.91
CA THR A 101 12.99 11.20 3.11
C THR A 101 12.16 10.09 3.76
N GLU A 102 12.17 8.91 3.13
CA GLU A 102 11.32 7.82 3.58
C GLU A 102 12.07 6.77 4.38
N LEU A 103 11.40 6.24 5.40
CA LEU A 103 11.98 5.24 6.29
C LEU A 103 11.04 4.06 6.48
N ASP A 104 11.55 3.00 7.08
CA ASP A 104 10.70 1.91 7.52
C ASP A 104 9.75 2.46 8.57
N ARG A 105 8.52 1.95 8.60
CA ARG A 105 7.51 2.46 9.51
C ARG A 105 7.97 2.35 10.97
N THR A 106 8.63 1.25 11.31
CA THR A 106 9.15 1.04 12.65
C THR A 106 10.14 2.12 13.05
N PHE A 107 11.07 2.40 12.15
CA PHE A 107 12.10 3.43 12.38
C PHE A 107 11.48 4.79 12.71
N VAL A 108 10.45 5.16 11.97
CA VAL A 108 9.84 6.47 12.12
C VAL A 108 9.14 6.64 13.47
N GLU A 109 8.41 5.62 13.90
CA GLU A 109 7.69 5.68 15.16
C GLU A 109 8.57 5.33 16.37
N GLU A 110 9.86 5.21 16.13
CA GLU A 110 10.83 5.04 17.21
C GLU A 110 11.66 6.30 17.36
N ILE A 111 12.16 6.79 16.23
CA ILE A 111 13.07 7.92 16.19
C ILE A 111 12.40 9.24 16.60
N GLY A 112 11.08 9.23 16.74
CA GLY A 112 10.32 10.41 17.06
C GLY A 112 10.74 11.12 18.34
N GLU A 113 10.58 10.44 19.47
CA GLU A 113 10.93 11.04 20.77
C GLU A 113 12.40 11.42 20.92
N PRO A 114 13.35 10.58 20.46
CA PRO A 114 14.75 11.01 20.54
C PRO A 114 15.02 12.33 19.81
N LEU A 115 14.41 12.52 18.65
CA LEU A 115 14.64 13.76 17.91
C LEU A 115 14.09 14.94 18.70
N LEU A 116 12.88 14.79 19.23
CA LEU A 116 12.26 15.83 20.04
C LEU A 116 13.16 16.21 21.22
N HIS A 117 13.80 15.21 21.80
CA HIS A 117 14.75 15.40 22.88
C HIS A 117 15.91 16.30 22.42
N LEU A 118 16.57 15.91 21.34
CA LEU A 118 17.70 16.66 20.78
C LEU A 118 17.31 18.09 20.43
N LEU A 119 16.10 18.26 19.91
CA LEU A 119 15.59 19.58 19.60
C LEU A 119 15.47 20.43 20.86
N ARG A 120 14.89 19.85 21.91
CA ARG A 120 14.72 20.55 23.17
C ARG A 120 16.09 20.91 23.76
N ASN A 121 17.04 19.99 23.63
CA ASN A 121 18.39 20.24 24.10
C ASN A 121 19.02 21.46 23.43
N ALA A 122 18.78 21.61 22.14
CA ALA A 122 19.30 22.76 21.40
C ALA A 122 18.66 24.06 21.87
N ILE A 123 17.35 24.03 22.07
CA ILE A 123 16.63 25.23 22.49
C ILE A 123 16.93 25.57 23.95
N ASP A 124 17.10 24.54 24.77
CA ASP A 124 17.32 24.73 26.20
C ASP A 124 18.78 25.10 26.51
N HIS A 125 19.68 24.16 26.30
CA HIS A 125 21.08 24.35 26.68
C HIS A 125 21.93 24.94 25.59
N GLY A 126 21.48 24.80 24.34
CA GLY A 126 22.29 25.18 23.20
C GLY A 126 22.32 26.67 22.88
N ILE A 127 21.16 27.23 22.57
CA ILE A 127 21.09 28.58 22.04
C ILE A 127 21.05 29.65 23.13
N GLU A 128 21.98 30.60 23.03
CA GLU A 128 22.09 31.68 24.00
C GLU A 128 20.89 32.62 23.92
N PRO A 129 20.58 33.32 25.02
CA PRO A 129 19.59 34.40 24.95
C PRO A 129 20.01 35.47 23.94
N LYS A 130 19.02 36.08 23.28
CA LYS A 130 19.27 37.02 22.19
C LYS A 130 20.28 38.11 22.55
N GLU A 131 20.15 38.67 23.74
CA GLU A 131 21.01 39.76 24.19
C GLU A 131 22.49 39.32 24.25
N GLU A 132 22.71 38.06 24.58
CA GLU A 132 24.07 37.52 24.66
C GLU A 132 24.67 37.31 23.27
N ARG A 133 23.83 36.85 22.34
CA ARG A 133 24.27 36.62 20.97
C ARG A 133 24.71 37.92 20.32
N ILE A 134 23.90 38.95 20.48
CA ILE A 134 24.19 40.26 19.91
C ILE A 134 25.48 40.82 20.48
N ALA A 135 25.72 40.57 21.76
CA ALA A 135 26.91 41.07 22.43
C ALA A 135 28.19 40.40 21.94
N LYS A 136 28.07 39.14 21.52
CA LYS A 136 29.24 38.36 21.12
C LYS A 136 29.56 38.49 19.63
N GLY A 137 28.63 39.07 18.87
CA GLY A 137 28.84 39.24 17.44
C GLY A 137 28.21 38.15 16.61
N LYS A 138 27.35 37.36 17.24
CA LYS A 138 26.61 36.32 16.55
C LYS A 138 25.31 36.90 16.02
N PRO A 139 24.73 36.28 14.97
CA PRO A 139 23.41 36.69 14.50
C PRO A 139 22.37 36.68 15.62
N PRO A 140 21.58 37.76 15.73
CA PRO A 140 20.62 38.00 16.81
C PRO A 140 19.76 36.79 17.16
N ILE A 141 19.31 36.07 16.14
CA ILE A 141 18.45 34.92 16.36
C ILE A 141 19.14 33.61 16.00
N GLY A 142 19.17 32.68 16.95
CA GLY A 142 19.76 31.37 16.73
C GLY A 142 18.98 30.57 15.70
N THR A 143 19.69 29.75 14.95
CA THR A 143 19.05 28.90 13.95
C THR A 143 19.18 27.43 14.32
N LEU A 144 18.10 26.69 14.11
CA LEU A 144 18.05 25.27 14.43
C LEU A 144 17.65 24.47 13.22
N ILE A 145 18.52 23.57 12.78
CA ILE A 145 18.26 22.78 11.58
C ILE A 145 18.03 21.31 11.89
N LEU A 146 16.82 20.84 11.57
CA LEU A 146 16.53 19.41 11.58
C LEU A 146 16.57 18.91 10.15
N SER A 147 17.54 18.05 9.84
CA SER A 147 17.70 17.59 8.46
C SER A 147 17.69 16.07 8.37
N ALA A 148 17.06 15.56 7.33
CA ALA A 148 17.03 14.13 7.06
C ALA A 148 17.29 13.87 5.58
N ARG A 149 18.33 13.13 5.27
CA ARG A 149 18.68 12.84 3.88
C ARG A 149 18.95 11.36 3.64
N HIS A 150 18.60 10.88 2.45
CA HIS A 150 19.08 9.58 1.98
C HIS A 150 20.49 9.77 1.45
N GLU A 151 21.48 9.17 2.12
CA GLU A 151 22.85 9.24 1.63
C GLU A 151 23.59 7.93 1.88
N GLY A 152 24.23 7.41 0.85
CA GLY A 152 24.86 6.10 0.93
C GLY A 152 23.80 5.04 1.09
N ASN A 153 24.12 4.00 1.85
CA ASN A 153 23.15 2.95 2.13
C ASN A 153 22.48 3.21 3.47
N ASN A 154 22.65 4.43 3.98
CA ASN A 154 22.11 4.82 5.27
C ASN A 154 21.16 6.00 5.17
N VAL A 155 20.43 6.24 6.25
CA VAL A 155 19.63 7.46 6.36
C VAL A 155 20.22 8.35 7.44
N VAL A 156 20.57 9.57 7.06
CA VAL A 156 21.25 10.47 7.96
C VAL A 156 20.33 11.58 8.46
N ILE A 157 20.12 11.59 9.77
CA ILE A 157 19.35 12.64 10.42
C ILE A 157 20.27 13.50 11.27
N GLU A 158 20.24 14.81 11.03
CA GLU A 158 21.12 15.71 11.78
C GLU A 158 20.33 16.82 12.46
N VAL A 159 20.71 17.12 13.69
CA VAL A 159 20.20 18.28 14.40
C VAL A 159 21.36 19.21 14.72
N GLU A 160 21.29 20.43 14.19
CA GLU A 160 22.39 21.36 14.32
C GLU A 160 21.91 22.71 14.86
N ASP A 161 22.70 23.31 15.74
CA ASP A 161 22.41 24.65 16.25
C ASP A 161 23.69 25.48 16.32
N ASP A 162 23.55 26.80 16.31
CA ASP A 162 24.70 27.70 16.32
C ASP A 162 24.90 28.31 17.71
N GLY A 163 24.38 27.65 18.73
CA GLY A 163 24.38 28.19 20.08
C GLY A 163 25.69 28.10 20.83
N ARG A 164 25.59 27.98 22.16
CA ARG A 164 26.74 27.95 23.07
C ARG A 164 27.77 26.89 22.69
N GLY A 165 27.30 25.69 22.40
CA GLY A 165 28.18 24.55 22.23
C GLY A 165 28.29 23.82 23.56
N ILE A 166 29.11 22.78 23.58
CA ILE A 166 29.25 21.95 24.78
C ILE A 166 30.61 22.17 25.44
N ASP A 167 30.61 22.33 26.75
CA ASP A 167 31.85 22.52 27.50
C ASP A 167 32.54 21.19 27.76
N LYS A 168 33.62 20.95 27.03
CA LYS A 168 34.34 19.67 27.11
C LYS A 168 35.10 19.51 28.41
N GLU A 169 35.60 20.61 28.96
CA GLU A 169 36.35 20.57 30.21
C GLU A 169 35.45 20.15 31.37
N LYS A 170 34.21 20.64 31.36
CA LYS A 170 33.23 20.28 32.36
C LYS A 170 32.92 18.79 32.31
N ILE A 171 32.92 18.23 31.10
CA ILE A 171 32.73 16.79 30.92
C ILE A 171 33.90 16.00 31.48
N ILE A 172 35.11 16.40 31.08
CA ILE A 172 36.33 15.74 31.54
C ILE A 172 36.45 15.76 33.06
N ARG A 173 36.17 16.90 33.67
CA ARG A 173 36.26 17.02 35.12
C ARG A 173 35.23 16.15 35.83
N LYS A 174 34.02 16.10 35.30
CA LYS A 174 32.98 15.24 35.85
C LYS A 174 33.33 13.77 35.60
N ALA A 175 33.91 13.49 34.43
CA ALA A 175 34.33 12.13 34.10
C ALA A 175 35.32 11.59 35.13
N ILE A 176 36.30 12.41 35.48
CA ILE A 176 37.29 12.03 36.48
C ILE A 176 36.68 12.06 37.88
N GLU A 177 35.69 12.93 38.07
CA GLU A 177 35.04 13.11 39.37
C GLU A 177 34.48 11.80 39.91
N LYS A 178 34.03 10.92 39.03
CA LYS A 178 33.62 9.58 39.43
C LYS A 178 34.22 8.51 38.53
N GLY A 179 35.30 7.90 39.04
CA GLY A 179 36.00 6.77 38.43
C GLY A 179 35.75 6.36 36.99
N LEU A 180 36.13 7.22 36.04
CA LEU A 180 36.09 6.85 34.63
C LEU A 180 37.49 6.92 34.03
N ILE A 181 38.08 8.10 34.06
CA ILE A 181 39.47 8.29 33.66
C ILE A 181 40.20 9.12 34.70
N ASP A 182 41.51 9.28 34.53
CA ASP A 182 42.25 10.24 35.35
C ASP A 182 42.74 11.38 34.46
N GLU A 183 43.57 12.24 35.01
CA GLU A 183 44.10 13.37 34.27
C GLU A 183 44.98 12.91 33.10
N SER A 184 45.70 11.81 33.30
CA SER A 184 46.65 11.32 32.30
C SER A 184 45.97 10.81 31.03
N LYS A 185 44.94 9.99 31.19
CA LYS A 185 44.24 9.46 30.02
C LYS A 185 43.12 10.41 29.55
N ALA A 186 43.08 11.60 30.14
CA ALA A 186 42.13 12.62 29.74
C ALA A 186 42.68 13.42 28.56
N ALA A 187 43.99 13.67 28.59
CA ALA A 187 44.64 14.47 27.55
C ALA A 187 44.89 13.65 26.29
N THR A 188 44.59 12.37 26.34
CA THR A 188 44.76 11.49 25.19
C THR A 188 43.46 11.32 24.42
N LEU A 189 42.42 12.01 24.87
CA LEU A 189 41.08 11.87 24.30
C LEU A 189 40.84 12.76 23.09
N SER A 190 40.23 12.17 22.05
CA SER A 190 39.75 12.93 20.91
C SER A 190 38.51 13.71 21.31
N ASP A 191 38.13 14.70 20.52
CA ASP A 191 36.98 15.53 20.83
C ASP A 191 35.68 14.73 20.89
N GLN A 192 35.47 13.85 19.92
CA GLN A 192 34.22 13.11 19.83
C GLN A 192 34.05 12.10 20.97
N GLU A 193 35.12 11.45 21.37
CA GLU A 193 35.04 10.44 22.43
C GLU A 193 34.88 11.11 23.79
N ILE A 194 35.26 12.38 23.89
CA ILE A 194 34.96 13.17 25.08
C ILE A 194 33.45 13.39 25.16
N LEU A 195 32.87 13.84 24.04
CA LEU A 195 31.45 14.09 23.97
C LEU A 195 30.64 12.81 24.09
N ASN A 196 31.28 11.68 23.82
CA ASN A 196 30.63 10.38 23.91
C ASN A 196 30.31 9.99 25.35
N PHE A 197 30.84 10.75 26.30
CA PHE A 197 30.51 10.55 27.70
C PHE A 197 29.06 10.89 27.99
N LEU A 198 28.49 11.76 27.16
CA LEU A 198 27.12 12.22 27.36
C LEU A 198 26.10 11.09 27.23
N PHE A 199 26.48 10.01 26.54
CA PHE A 199 25.57 8.89 26.34
C PHE A 199 25.69 7.87 27.47
N VAL A 200 26.60 8.13 28.41
CA VAL A 200 26.72 7.30 29.60
C VAL A 200 25.48 7.53 30.48
N PRO A 201 24.87 6.43 30.96
CA PRO A 201 23.66 6.48 31.78
C PRO A 201 23.83 7.40 32.98
N GLY A 202 22.98 8.42 33.07
CA GLY A 202 23.00 9.35 34.19
C GLY A 202 24.32 10.05 34.42
N PHE A 203 24.94 10.51 33.35
CA PHE A 203 26.13 11.36 33.43
C PHE A 203 25.79 12.65 34.19
N SER A 204 26.10 12.64 35.48
CA SER A 204 25.41 13.46 36.49
C SER A 204 25.98 14.86 36.78
N THR A 205 25.26 15.87 36.30
CA THR A 205 25.23 17.22 36.83
C THR A 205 23.75 17.44 37.18
N LYS A 206 22.93 16.51 36.70
CA LYS A 206 21.47 16.57 36.74
C LYS A 206 20.86 16.21 38.11
N GLU A 207 20.39 14.96 38.21
CA GLU A 207 19.84 14.38 39.45
C GLU A 207 19.42 12.93 39.19
N LYS A 208 19.28 12.17 40.27
CA LYS A 208 18.74 10.82 40.23
C LYS A 208 17.32 10.79 39.67
N VAL A 209 16.97 9.68 39.04
CA VAL A 209 15.61 9.46 38.56
C VAL A 209 15.11 8.09 39.02
N SER A 210 13.83 8.00 39.38
CA SER A 210 13.28 6.81 40.02
C SER A 210 12.83 5.72 39.04
N GLU A 211 12.79 6.05 37.76
CA GLU A 211 12.65 5.04 36.70
C GLU A 211 11.42 4.13 36.78
N VAL A 212 10.34 4.52 36.11
CA VAL A 212 9.18 3.63 35.98
C VAL A 212 8.75 3.52 34.52
N SER A 213 8.27 2.34 34.14
CA SER A 213 7.62 2.09 32.85
C SER A 213 8.49 2.26 31.60
N GLY A 214 9.64 2.92 31.74
CA GLY A 214 10.46 3.22 30.57
C GLY A 214 11.81 2.53 30.54
N ARG A 215 12.76 3.16 29.84
CA ARG A 215 14.13 2.69 29.78
C ARG A 215 15.02 3.63 30.58
N GLY A 216 14.97 4.91 30.23
CA GLY A 216 15.71 5.94 30.94
C GLY A 216 15.06 7.29 30.69
N VAL A 217 15.81 8.36 30.94
CA VAL A 217 15.28 9.70 30.78
C VAL A 217 15.86 10.45 29.60
N GLY A 218 17.18 10.60 29.59
CA GLY A 218 17.83 11.51 28.67
C GLY A 218 18.75 11.03 27.57
N MET A 219 19.89 11.69 27.40
CA MET A 219 20.82 11.36 26.30
C MET A 219 21.29 9.91 26.15
N ASP A 220 21.26 9.14 27.23
CA ASP A 220 21.63 7.73 27.15
C ASP A 220 20.50 6.96 26.46
N VAL A 221 19.30 7.52 26.45
CA VAL A 221 18.17 6.85 25.84
C VAL A 221 18.17 7.04 24.33
N VAL A 222 18.62 8.21 23.91
CA VAL A 222 18.73 8.51 22.50
C VAL A 222 19.60 7.46 21.81
N LYS A 223 20.78 7.22 22.36
CA LYS A 223 21.66 6.18 21.82
C LYS A 223 20.99 4.82 21.89
N ASN A 224 20.26 4.56 22.96
CA ASN A 224 19.56 3.30 23.12
C ASN A 224 18.54 3.04 22.02
N VAL A 225 17.74 4.05 21.69
CA VAL A 225 16.76 3.93 20.62
C VAL A 225 17.46 3.75 19.29
N VAL A 226 18.49 4.57 19.06
CA VAL A 226 19.26 4.53 17.82
C VAL A 226 19.89 3.16 17.62
N GLU A 227 20.43 2.58 18.69
CA GLU A 227 21.06 1.28 18.61
C GLU A 227 20.05 0.15 18.49
N SER A 228 18.82 0.38 18.96
CA SER A 228 17.76 -0.60 18.78
C SER A 228 17.36 -0.68 17.32
N LEU A 229 17.68 0.38 16.57
CA LEU A 229 17.43 0.42 15.13
C LEU A 229 18.69 0.06 14.37
N ASN A 230 19.69 -0.44 15.10
CA ASN A 230 20.99 -0.81 14.54
C ASN A 230 21.67 0.39 13.89
N GLY A 231 21.42 1.57 14.45
CA GLY A 231 21.99 2.80 13.92
C GLY A 231 23.19 3.27 14.72
N SER A 232 23.66 4.46 14.38
CA SER A 232 24.85 5.03 15.00
C SER A 232 24.61 6.49 15.33
N ILE A 233 25.40 7.04 16.27
CA ILE A 233 25.23 8.42 16.67
C ILE A 233 26.52 8.99 17.28
N SER A 234 26.79 10.26 16.99
CA SER A 234 27.81 11.02 17.70
C SER A 234 27.60 12.52 17.56
N ILE A 235 28.45 13.29 18.23
CA ILE A 235 28.26 14.73 18.38
C ILE A 235 29.48 15.52 17.95
N GLU A 236 29.24 16.67 17.33
CA GLU A 236 30.30 17.64 17.04
C GLU A 236 29.95 18.97 17.71
N SER A 237 30.92 19.58 18.37
CA SER A 237 30.69 20.87 19.03
C SER A 237 32.00 21.59 19.37
N GLU A 238 31.93 22.91 19.40
CA GLU A 238 33.00 23.71 19.98
C GLU A 238 32.43 25.04 20.48
N LYS A 239 33.07 25.59 21.52
CA LYS A 239 32.56 26.75 22.25
C LYS A 239 32.15 27.94 21.37
N ASP A 240 30.98 28.48 21.67
CA ASP A 240 30.46 29.70 21.05
C ASP A 240 30.33 29.61 19.52
N LYS A 241 30.28 28.39 19.01
CA LYS A 241 30.03 28.19 17.58
C LYS A 241 28.76 27.39 17.37
N GLY A 242 28.66 26.23 18.03
CA GLY A 242 27.46 25.42 17.92
C GLY A 242 27.65 23.93 18.16
N THR A 243 26.57 23.19 17.94
CA THR A 243 26.55 21.75 18.19
C THR A 243 25.76 21.02 17.12
N LYS A 244 26.27 19.89 16.65
CA LYS A 244 25.57 19.10 15.65
C LYS A 244 25.55 17.62 16.02
N VAL A 245 24.35 17.07 16.16
CA VAL A 245 24.20 15.65 16.42
C VAL A 245 23.87 14.94 15.11
N THR A 246 24.62 13.87 14.81
CA THR A 246 24.39 13.10 13.59
C THR A 246 23.89 11.70 13.91
N ILE A 247 22.76 11.34 13.31
CA ILE A 247 22.21 10.00 13.49
C ILE A 247 22.13 9.27 12.15
N ARG A 248 22.80 8.13 12.07
CA ARG A 248 22.75 7.32 10.85
C ARG A 248 21.95 6.06 11.11
N LEU A 249 21.01 5.75 10.21
CA LEU A 249 20.21 4.54 10.34
C LEU A 249 20.41 3.66 9.11
N PRO A 250 20.54 2.34 9.32
CA PRO A 250 20.66 1.42 8.19
C PRO A 250 19.39 1.47 7.34
N LEU A 251 19.55 1.60 6.03
CA LEU A 251 18.41 1.79 5.16
C LEU A 251 17.96 0.51 4.46
N THR A 252 16.88 -0.08 4.97
CA THR A 252 16.19 -1.16 4.28
C THR A 252 14.69 -0.92 4.36
N LYS B 1 7.68 4.93 26.39
CA LYS B 1 6.48 4.96 25.54
C LYS B 1 6.84 5.27 24.10
N LYS B 2 6.03 4.77 23.17
CA LYS B 2 6.26 4.95 21.75
C LYS B 2 5.78 6.32 21.28
N VAL B 3 5.96 6.59 20.00
CA VAL B 3 5.35 7.78 19.41
C VAL B 3 4.43 7.40 18.24
N ILE B 4 3.21 7.92 18.29
CA ILE B 4 2.17 7.66 17.29
C ILE B 4 2.32 8.46 15.98
N SER B 5 1.80 7.88 14.90
CA SER B 5 1.96 8.39 13.54
C SER B 5 0.58 8.50 12.85
N GLN B 6 0.25 7.52 12.00
CA GLN B 6 -1.07 7.40 11.33
C GLN B 6 -1.30 6.12 10.49
N THR B 7 -2.29 6.20 9.60
CA THR B 7 -2.59 5.10 8.69
C THR B 7 -1.92 5.35 7.33
N VAL B 8 -1.61 4.27 6.63
CA VAL B 8 -0.82 4.36 5.41
C VAL B 8 -1.62 4.09 4.13
N ARG B 9 -0.91 4.12 3.01
CA ARG B 9 -1.46 3.83 1.70
C ARG B 9 -0.31 3.43 0.77
N VAL B 10 -0.60 2.63 -0.25
CA VAL B 10 0.45 2.10 -1.12
C VAL B 10 -0.09 1.79 -2.52
N ASP B 11 0.81 1.59 -3.48
CA ASP B 11 0.42 1.32 -4.86
C ASP B 11 0.13 -0.15 -5.09
N ILE B 12 -0.39 -0.46 -6.27
CA ILE B 12 -0.72 -1.82 -6.62
C ILE B 12 0.42 -2.44 -7.45
N GLU B 13 1.36 -1.59 -7.85
CA GLU B 13 2.46 -2.03 -8.71
C GLU B 13 3.28 -3.13 -8.05
N LYS B 14 3.48 -3.03 -6.74
CA LYS B 14 4.15 -4.10 -6.00
C LYS B 14 3.15 -4.89 -5.16
N LEU B 15 1.89 -4.49 -5.21
CA LEU B 15 0.84 -5.22 -4.49
C LEU B 15 0.48 -6.49 -5.26
N ASP B 16 0.56 -6.43 -6.58
CA ASP B 16 0.37 -7.62 -7.41
C ASP B 16 1.63 -8.48 -7.36
N ASN B 17 2.75 -7.86 -7.02
CA ASN B 17 4.00 -8.58 -6.85
C ASN B 17 3.92 -9.52 -5.65
N LEU B 18 3.07 -9.17 -4.69
CA LEU B 18 2.81 -10.04 -3.55
C LEU B 18 2.15 -11.34 -4.01
N MET B 19 1.01 -11.20 -4.67
CA MET B 19 0.26 -12.34 -5.18
C MET B 19 1.12 -13.18 -6.10
N ASP B 20 1.85 -12.51 -6.99
CA ASP B 20 2.76 -13.18 -7.91
C ASP B 20 3.80 -14.01 -7.16
N LEU B 21 4.35 -13.44 -6.10
CA LEU B 21 5.37 -14.13 -5.30
C LEU B 21 4.74 -15.19 -4.43
N MET B 22 3.56 -14.91 -3.91
CA MET B 22 2.85 -15.86 -3.06
C MET B 22 2.25 -17.00 -3.88
N GLY B 23 1.85 -16.69 -5.11
CA GLY B 23 1.41 -17.70 -6.03
C GLY B 23 2.60 -18.56 -6.41
N GLU B 24 3.77 -17.93 -6.41
CA GLU B 24 5.03 -18.60 -6.68
C GLU B 24 5.56 -19.27 -5.41
N LEU B 25 4.96 -18.93 -4.28
CA LEU B 25 5.38 -19.46 -2.99
C LEU B 25 4.84 -20.86 -2.74
N VAL B 26 3.56 -21.06 -3.04
CA VAL B 26 2.93 -22.36 -2.88
C VAL B 26 3.55 -23.38 -3.82
N ILE B 27 3.99 -22.90 -4.98
CA ILE B 27 4.70 -23.74 -5.95
C ILE B 27 6.01 -24.25 -5.35
N ALA B 28 6.71 -23.36 -4.63
CA ALA B 28 7.99 -23.70 -4.03
C ALA B 28 7.83 -24.77 -2.95
N ARG B 29 6.67 -24.79 -2.30
CA ARG B 29 6.39 -25.81 -1.30
C ARG B 29 6.29 -27.19 -1.93
N SER B 30 5.41 -27.31 -2.93
CA SER B 30 5.17 -28.56 -3.62
C SER B 30 6.45 -29.13 -4.23
N ARG B 31 7.25 -28.24 -4.82
CA ARG B 31 8.51 -28.61 -5.44
C ARG B 31 9.45 -29.31 -4.47
N ILE B 32 9.39 -28.91 -3.20
CA ILE B 32 10.19 -29.54 -2.16
C ILE B 32 9.69 -30.95 -1.89
N LEU B 33 8.38 -31.07 -1.65
CA LEU B 33 7.76 -32.38 -1.40
C LEU B 33 7.99 -33.34 -2.55
N GLU B 34 7.95 -32.82 -3.78
CA GLU B 34 8.19 -33.64 -4.97
C GLU B 34 9.62 -34.14 -5.02
N THR B 35 10.56 -33.32 -4.58
CA THR B 35 11.95 -33.73 -4.49
C THR B 35 12.16 -34.59 -3.26
N LEU B 36 11.16 -34.61 -2.38
CA LEU B 36 11.16 -35.49 -1.21
C LEU B 36 10.54 -36.83 -1.57
N LYS B 37 10.02 -36.94 -2.78
CA LYS B 37 9.48 -38.20 -3.27
C LYS B 37 10.60 -39.05 -3.85
N LYS B 38 11.52 -38.39 -4.55
CA LYS B 38 12.64 -39.07 -5.19
C LYS B 38 13.53 -39.76 -4.16
N TYR B 39 13.71 -39.12 -3.01
CA TYR B 39 14.61 -39.63 -1.99
C TYR B 39 13.86 -40.09 -0.74
N ASN B 40 12.53 -39.92 -0.77
CA ASN B 40 11.64 -40.53 0.22
C ASN B 40 11.91 -40.12 1.67
N ILE B 41 11.52 -38.90 2.03
CA ILE B 41 11.66 -38.40 3.40
C ILE B 41 10.33 -37.80 3.88
N LYS B 42 9.75 -38.38 4.93
CA LYS B 42 8.36 -38.06 5.29
C LYS B 42 8.16 -37.45 6.68
N GLU B 43 9.22 -37.31 7.47
CA GLU B 43 9.06 -36.89 8.86
C GLU B 43 8.91 -35.37 9.04
N LEU B 44 8.93 -34.64 7.93
CA LEU B 44 8.92 -33.19 7.98
C LEU B 44 7.51 -32.59 7.91
N ASP B 45 6.58 -33.34 7.33
CA ASP B 45 5.25 -32.86 6.94
C ASP B 45 4.53 -31.92 7.92
N GLU B 46 4.84 -32.02 9.20
CA GLU B 46 4.25 -31.12 10.20
C GLU B 46 4.66 -29.67 9.94
N SER B 47 5.90 -29.49 9.48
CA SER B 47 6.43 -28.16 9.23
C SER B 47 5.99 -27.62 7.87
N LEU B 48 5.76 -28.52 6.93
CA LEU B 48 5.30 -28.14 5.60
C LEU B 48 3.78 -27.93 5.56
N SER B 49 3.10 -28.40 6.61
CA SER B 49 1.67 -28.17 6.74
C SER B 49 1.40 -26.73 7.12
N HIS B 50 2.20 -26.21 8.05
CA HIS B 50 2.09 -24.83 8.49
C HIS B 50 2.33 -23.87 7.33
N LEU B 51 3.26 -24.23 6.46
CA LEU B 51 3.57 -23.42 5.29
C LEU B 51 2.30 -23.21 4.44
N SER B 52 1.56 -24.29 4.22
CA SER B 52 0.27 -24.19 3.52
C SER B 52 -0.72 -23.36 4.32
N ARG B 53 -0.74 -23.58 5.64
CA ARG B 53 -1.60 -22.82 6.53
C ARG B 53 -1.24 -21.33 6.49
N ILE B 54 0.05 -21.05 6.51
CA ILE B 54 0.53 -19.67 6.50
C ILE B 54 0.27 -19.00 5.16
N THR B 55 0.72 -19.63 4.08
CA THR B 55 0.54 -19.09 2.74
C THR B 55 -0.92 -18.77 2.45
N LEU B 56 -1.81 -19.70 2.80
CA LEU B 56 -3.24 -19.47 2.65
C LEU B 56 -3.68 -18.26 3.48
N ASP B 57 -3.37 -18.31 4.78
CA ASP B 57 -3.65 -17.18 5.68
C ASP B 57 -3.02 -15.91 5.16
N LEU B 58 -1.83 -16.04 4.59
CA LEU B 58 -1.14 -14.92 3.99
C LEU B 58 -1.86 -14.48 2.72
N GLN B 59 -2.16 -15.46 1.86
CA GLN B 59 -2.83 -15.20 0.58
C GLN B 59 -4.17 -14.49 0.76
N ASN B 60 -4.89 -14.88 1.80
CA ASN B 60 -6.19 -14.27 2.09
C ASN B 60 -6.07 -12.78 2.40
N VAL B 61 -5.28 -12.44 3.41
CA VAL B 61 -5.19 -11.05 3.86
C VAL B 61 -4.37 -10.18 2.92
N VAL B 62 -3.50 -10.79 2.11
CA VAL B 62 -2.74 -10.05 1.10
C VAL B 62 -3.69 -9.48 0.04
N MET B 63 -4.73 -10.25 -0.24
CA MET B 63 -5.71 -9.90 -1.24
C MET B 63 -6.92 -9.24 -0.59
N LYS B 64 -7.03 -9.39 0.73
CA LYS B 64 -8.12 -8.79 1.48
C LYS B 64 -7.93 -7.28 1.60
N ILE B 65 -6.71 -6.81 1.36
CA ILE B 65 -6.41 -5.38 1.43
C ILE B 65 -6.75 -4.67 0.12
N ARG B 66 -6.67 -5.38 -0.99
CA ARG B 66 -6.77 -4.75 -2.31
C ARG B 66 -8.22 -4.59 -2.75
N MET B 67 -9.16 -4.96 -1.89
CA MET B 67 -10.56 -4.66 -2.15
C MET B 67 -10.81 -3.16 -2.02
N VAL B 68 -11.33 -2.56 -3.07
CA VAL B 68 -11.64 -1.14 -3.09
C VAL B 68 -13.09 -0.98 -3.56
N PRO B 69 -13.82 -0.01 -3.00
CA PRO B 69 -15.18 0.27 -3.50
C PRO B 69 -15.20 0.55 -5.00
N ILE B 70 -16.38 0.42 -5.59
CA ILE B 70 -16.53 0.46 -7.04
C ILE B 70 -16.73 1.89 -7.55
N SER B 71 -16.78 2.85 -6.63
CA SER B 71 -16.95 4.24 -7.00
C SER B 71 -15.71 4.82 -7.68
N PHE B 72 -14.62 4.07 -7.66
CA PHE B 72 -13.39 4.51 -8.31
C PHE B 72 -13.43 4.28 -9.82
N VAL B 73 -14.52 3.70 -10.29
CA VAL B 73 -14.78 3.63 -11.73
C VAL B 73 -16.16 4.21 -12.03
N PHE B 74 -17.13 3.92 -11.17
CA PHE B 74 -18.50 4.37 -11.35
C PHE B 74 -18.64 5.89 -11.41
N ASN B 75 -17.82 6.60 -10.65
CA ASN B 75 -17.93 8.06 -10.54
C ASN B 75 -17.38 8.79 -11.75
N ARG B 76 -16.78 8.06 -12.68
CA ARG B 76 -16.29 8.65 -13.92
C ARG B 76 -17.30 8.41 -15.04
N PHE B 77 -18.33 7.63 -14.73
CA PHE B 77 -19.37 7.27 -15.70
C PHE B 77 -20.43 8.33 -16.02
N PRO B 78 -21.04 8.96 -15.00
CA PRO B 78 -22.24 9.78 -15.26
C PRO B 78 -22.05 10.89 -16.30
N ARG B 79 -20.86 11.45 -16.39
CA ARG B 79 -20.61 12.48 -17.40
C ARG B 79 -19.91 11.90 -18.62
N MET B 80 -19.62 10.60 -18.57
CA MET B 80 -19.24 9.85 -19.75
C MET B 80 -20.52 9.34 -20.41
N VAL B 81 -21.63 9.51 -19.69
CA VAL B 81 -22.94 9.12 -20.19
C VAL B 81 -23.69 10.32 -20.78
N ARG B 82 -23.81 11.37 -19.99
CA ARG B 82 -24.61 12.54 -20.37
C ARG B 82 -24.12 13.21 -21.65
N ASP B 83 -22.83 13.06 -21.95
CA ASP B 83 -22.25 13.73 -23.10
C ASP B 83 -22.47 12.94 -24.39
N LEU B 84 -22.51 11.62 -24.29
CA LEU B 84 -22.79 10.81 -25.48
C LEU B 84 -24.28 10.55 -25.60
N ALA B 85 -25.03 10.88 -24.54
CA ALA B 85 -26.48 10.79 -24.59
C ALA B 85 -27.04 11.91 -25.47
N LYS B 86 -26.48 13.11 -25.30
CA LYS B 86 -26.85 14.25 -26.13
C LYS B 86 -26.17 14.15 -27.49
N LYS B 87 -25.10 13.36 -27.54
CA LYS B 87 -24.42 13.08 -28.80
C LYS B 87 -25.38 12.30 -29.70
N MET B 88 -26.16 11.41 -29.09
CA MET B 88 -27.22 10.70 -29.80
C MET B 88 -28.57 11.35 -29.55
N ASN B 89 -28.52 12.56 -28.99
CA ASN B 89 -29.69 13.42 -28.78
C ASN B 89 -30.73 12.87 -27.79
N LYS B 90 -30.46 11.70 -27.23
CA LYS B 90 -31.40 11.06 -26.32
C LYS B 90 -31.23 11.56 -24.88
N GLU B 91 -32.33 11.63 -24.15
CA GLU B 91 -32.26 11.89 -22.71
C GLU B 91 -32.05 10.58 -21.97
N VAL B 92 -31.13 10.59 -21.01
CA VAL B 92 -30.93 9.44 -20.15
C VAL B 92 -30.98 9.84 -18.69
N ASN B 93 -31.87 9.21 -17.93
CA ASN B 93 -31.88 9.39 -16.49
C ASN B 93 -30.97 8.34 -15.85
N PHE B 94 -29.74 8.73 -15.59
CA PHE B 94 -28.74 7.79 -15.08
C PHE B 94 -28.82 7.66 -13.55
N ILE B 95 -28.90 6.41 -13.09
CA ILE B 95 -28.97 6.14 -11.66
C ILE B 95 -27.96 5.06 -11.27
N MET B 96 -27.15 5.34 -10.26
CA MET B 96 -26.19 4.37 -9.76
C MET B 96 -26.54 3.92 -8.34
N ARG B 97 -26.55 2.62 -8.11
CA ARG B 97 -26.82 2.07 -6.78
C ARG B 97 -25.74 1.08 -6.38
N GLY B 98 -25.57 0.92 -5.07
CA GLY B 98 -24.55 0.03 -4.53
C GLY B 98 -23.15 0.47 -4.92
N GLU B 99 -22.96 1.78 -5.02
CA GLU B 99 -21.69 2.36 -5.43
C GLU B 99 -20.61 2.14 -4.38
N ASP B 100 -21.03 1.81 -3.17
CA ASP B 100 -20.10 1.58 -2.06
C ASP B 100 -19.81 0.10 -1.87
N THR B 101 -20.31 -0.74 -2.78
CA THR B 101 -19.98 -2.15 -2.76
C THR B 101 -18.59 -2.35 -3.36
N GLU B 102 -17.81 -3.27 -2.80
CA GLU B 102 -16.39 -3.36 -3.11
C GLU B 102 -15.96 -4.69 -3.73
N LEU B 103 -14.83 -4.64 -4.45
CA LEU B 103 -14.21 -5.82 -5.04
C LEU B 103 -12.74 -5.52 -5.34
N ASP B 104 -12.02 -6.54 -5.81
CA ASP B 104 -10.57 -6.41 -6.05
C ASP B 104 -10.27 -5.30 -7.05
N ARG B 105 -9.15 -4.62 -6.83
CA ARG B 105 -8.76 -3.47 -7.65
C ARG B 105 -8.33 -3.88 -9.05
N THR B 106 -7.60 -5.00 -9.16
CA THR B 106 -7.12 -5.46 -10.46
C THR B 106 -8.29 -5.85 -11.37
N PHE B 107 -9.48 -5.92 -10.79
CA PHE B 107 -10.70 -6.16 -11.55
C PHE B 107 -11.26 -4.86 -12.14
N VAL B 108 -11.32 -3.82 -11.32
CA VAL B 108 -12.13 -2.64 -11.63
C VAL B 108 -11.68 -1.86 -12.88
N GLU B 109 -10.42 -2.00 -13.28
CA GLU B 109 -9.95 -1.26 -14.45
C GLU B 109 -10.11 -2.11 -15.71
N GLU B 110 -10.24 -3.42 -15.52
CA GLU B 110 -10.48 -4.32 -16.64
C GLU B 110 -11.98 -4.57 -16.81
N ILE B 111 -12.75 -4.20 -15.80
CA ILE B 111 -14.21 -4.29 -15.89
C ILE B 111 -14.77 -2.96 -16.38
N GLY B 112 -13.90 -1.95 -16.44
CA GLY B 112 -14.30 -0.59 -16.76
C GLY B 112 -14.91 -0.43 -18.14
N GLU B 113 -14.14 -0.75 -19.18
CA GLU B 113 -14.63 -0.63 -20.55
C GLU B 113 -15.81 -1.55 -20.88
N PRO B 114 -15.79 -2.81 -20.40
CA PRO B 114 -16.99 -3.63 -20.62
C PRO B 114 -18.25 -2.96 -20.05
N LEU B 115 -18.16 -2.42 -18.85
CA LEU B 115 -19.29 -1.72 -18.25
C LEU B 115 -19.65 -0.51 -19.10
N LEU B 116 -18.64 0.21 -19.57
CA LEU B 116 -18.85 1.34 -20.46
C LEU B 116 -19.54 0.91 -21.74
N HIS B 117 -19.17 -0.27 -22.23
CA HIS B 117 -19.74 -0.81 -23.45
C HIS B 117 -21.23 -1.10 -23.28
N LEU B 118 -21.59 -1.76 -22.18
CA LEU B 118 -22.98 -2.07 -21.89
C LEU B 118 -23.79 -0.80 -21.72
N LEU B 119 -23.18 0.21 -21.10
CA LEU B 119 -23.83 1.51 -20.94
C LEU B 119 -24.00 2.17 -22.31
N ARG B 120 -22.94 2.13 -23.11
CA ARG B 120 -22.99 2.71 -24.46
C ARG B 120 -24.06 2.03 -25.29
N ASN B 121 -24.20 0.72 -25.11
CA ASN B 121 -25.24 -0.05 -25.76
C ASN B 121 -26.64 0.42 -25.39
N ALA B 122 -26.91 0.46 -24.09
CA ALA B 122 -28.23 0.83 -23.58
C ALA B 122 -28.66 2.22 -24.05
N ILE B 123 -27.70 3.13 -24.21
CA ILE B 123 -28.02 4.46 -24.72
C ILE B 123 -28.38 4.38 -26.20
N ASP B 124 -27.56 3.68 -26.97
CA ASP B 124 -27.71 3.64 -28.41
C ASP B 124 -28.88 2.76 -28.85
N HIS B 125 -28.73 1.45 -28.69
CA HIS B 125 -29.72 0.50 -29.16
C HIS B 125 -30.82 0.25 -28.12
N GLY B 126 -30.49 0.42 -26.85
CA GLY B 126 -31.44 0.19 -25.78
C GLY B 126 -32.54 1.23 -25.73
N ILE B 127 -32.17 2.46 -25.35
CA ILE B 127 -33.15 3.53 -25.19
C ILE B 127 -33.58 4.11 -26.53
N GLU B 128 -34.86 3.95 -26.83
CA GLU B 128 -35.45 4.49 -28.06
C GLU B 128 -35.74 5.98 -27.91
N PRO B 129 -35.67 6.73 -29.02
CA PRO B 129 -35.98 8.17 -29.03
C PRO B 129 -37.34 8.47 -28.40
N LYS B 130 -37.53 9.71 -27.98
CA LYS B 130 -38.66 10.07 -27.13
C LYS B 130 -39.99 10.02 -27.87
N GLU B 131 -39.95 10.31 -29.17
CA GLU B 131 -41.15 10.23 -30.00
C GLU B 131 -41.62 8.78 -30.08
N GLU B 132 -40.70 7.87 -30.35
CA GLU B 132 -40.99 6.45 -30.37
C GLU B 132 -41.38 5.97 -28.97
N ARG B 133 -40.85 6.65 -27.96
CA ARG B 133 -41.09 6.26 -26.57
C ARG B 133 -42.49 6.63 -26.11
N ILE B 134 -42.93 7.85 -26.44
CA ILE B 134 -44.26 8.30 -26.05
C ILE B 134 -45.32 7.64 -26.92
N ALA B 135 -44.92 7.18 -28.09
CA ALA B 135 -45.82 6.44 -28.97
C ALA B 135 -46.00 5.01 -28.47
N LYS B 136 -45.06 4.56 -27.64
CA LYS B 136 -45.12 3.23 -27.05
C LYS B 136 -45.80 3.22 -25.69
N GLY B 137 -46.39 4.36 -25.32
CA GLY B 137 -47.11 4.48 -24.07
C GLY B 137 -46.22 4.44 -22.84
N LYS B 138 -44.91 4.46 -23.05
CA LYS B 138 -43.95 4.45 -21.96
C LYS B 138 -43.66 5.87 -21.50
N PRO B 139 -43.19 6.03 -20.24
CA PRO B 139 -42.76 7.35 -19.78
C PRO B 139 -41.65 7.90 -20.66
N PRO B 140 -41.76 9.18 -21.06
CA PRO B 140 -40.84 9.82 -22.00
C PRO B 140 -39.39 9.80 -21.51
N ILE B 141 -39.20 9.57 -20.22
CA ILE B 141 -37.88 9.64 -19.61
C ILE B 141 -37.17 8.28 -19.60
N GLY B 142 -36.06 8.19 -20.33
CA GLY B 142 -35.27 6.97 -20.38
C GLY B 142 -34.44 6.81 -19.12
N THR B 143 -34.59 5.67 -18.45
CA THR B 143 -33.90 5.44 -17.18
C THR B 143 -32.88 4.31 -17.27
N LEU B 144 -31.60 4.67 -17.20
CA LEU B 144 -30.52 3.71 -17.18
C LEU B 144 -29.98 3.52 -15.77
N ILE B 145 -29.90 2.28 -15.30
CA ILE B 145 -29.47 2.01 -13.93
C ILE B 145 -28.25 1.11 -13.85
N LEU B 146 -27.15 1.67 -13.37
CA LEU B 146 -25.97 0.88 -13.06
C LEU B 146 -26.00 0.46 -11.60
N SER B 147 -25.70 -0.81 -11.32
CA SER B 147 -25.83 -1.33 -9.97
C SER B 147 -24.73 -2.32 -9.60
N ALA B 148 -24.41 -2.38 -8.31
CA ALA B 148 -23.42 -3.33 -7.81
C ALA B 148 -23.77 -3.73 -6.37
N ARG B 149 -23.59 -5.00 -6.03
CA ARG B 149 -23.93 -5.47 -4.69
C ARG B 149 -23.23 -6.78 -4.32
N HIS B 150 -23.22 -7.07 -3.02
CA HIS B 150 -22.75 -8.34 -2.49
C HIS B 150 -23.84 -9.40 -2.61
N GLU B 151 -23.48 -10.55 -3.17
CA GLU B 151 -24.37 -11.71 -3.10
C GLU B 151 -23.55 -12.98 -2.89
N GLY B 152 -23.62 -13.51 -1.68
CA GLY B 152 -22.83 -14.66 -1.31
C GLY B 152 -21.34 -14.36 -1.37
N ASN B 153 -20.61 -15.15 -2.16
CA ASN B 153 -19.19 -14.92 -2.37
C ASN B 153 -18.92 -14.21 -3.68
N ASN B 154 -19.97 -13.67 -4.28
CA ASN B 154 -19.86 -13.01 -5.57
C ASN B 154 -20.33 -11.56 -5.54
N VAL B 155 -19.79 -10.75 -6.45
CA VAL B 155 -20.23 -9.37 -6.61
C VAL B 155 -21.08 -9.24 -7.87
N VAL B 156 -22.29 -8.72 -7.71
CA VAL B 156 -23.23 -8.64 -8.82
C VAL B 156 -23.31 -7.25 -9.43
N ILE B 157 -22.79 -7.09 -10.63
CA ILE B 157 -22.91 -5.83 -11.36
C ILE B 157 -24.04 -5.91 -12.37
N GLU B 158 -24.91 -4.90 -12.38
CA GLU B 158 -26.08 -4.90 -13.24
C GLU B 158 -26.24 -3.61 -14.03
N VAL B 159 -26.33 -3.74 -15.35
CA VAL B 159 -26.67 -2.62 -16.22
C VAL B 159 -28.08 -2.81 -16.77
N GLU B 160 -29.04 -2.04 -16.25
CA GLU B 160 -30.43 -2.20 -16.64
C GLU B 160 -31.04 -0.93 -17.20
N ASP B 161 -31.65 -1.05 -18.37
CA ASP B 161 -32.39 0.05 -18.97
C ASP B 161 -33.83 -0.36 -19.22
N ASP B 162 -34.66 0.60 -19.61
CA ASP B 162 -36.01 0.29 -20.06
C ASP B 162 -36.17 0.78 -21.50
N GLY B 163 -35.85 -0.09 -22.45
CA GLY B 163 -35.88 0.30 -23.85
C GLY B 163 -36.80 -0.54 -24.72
N ARG B 164 -36.40 -0.72 -25.98
CA ARG B 164 -37.15 -1.55 -26.91
C ARG B 164 -36.99 -3.02 -26.54
N GLY B 165 -35.98 -3.31 -25.73
CA GLY B 165 -35.60 -4.68 -25.46
C GLY B 165 -34.70 -5.17 -26.58
N ILE B 166 -34.45 -6.48 -26.61
CA ILE B 166 -33.69 -7.07 -27.69
C ILE B 166 -34.59 -7.95 -28.54
N ASP B 167 -34.55 -7.76 -29.86
CA ASP B 167 -35.34 -8.58 -30.76
C ASP B 167 -34.74 -9.99 -30.79
N LYS B 168 -35.41 -10.92 -30.12
CA LYS B 168 -34.94 -12.30 -30.06
C LYS B 168 -35.12 -13.01 -31.39
N GLU B 169 -36.17 -12.64 -32.12
CA GLU B 169 -36.47 -13.28 -33.39
C GLU B 169 -35.40 -12.95 -34.43
N LYS B 170 -34.93 -11.70 -34.40
CA LYS B 170 -33.86 -11.27 -35.31
C LYS B 170 -32.61 -12.10 -35.06
N ILE B 171 -32.35 -12.40 -33.80
CA ILE B 171 -31.22 -13.23 -33.41
C ILE B 171 -31.37 -14.64 -33.98
N ILE B 172 -32.52 -15.24 -33.73
CA ILE B 172 -32.81 -16.59 -34.19
C ILE B 172 -32.67 -16.73 -35.71
N ARG B 173 -33.25 -15.78 -36.44
CA ARG B 173 -33.24 -15.83 -37.90
C ARG B 173 -31.84 -15.58 -38.45
N LYS B 174 -31.07 -14.74 -37.77
CA LYS B 174 -29.69 -14.49 -38.14
C LYS B 174 -28.86 -15.74 -37.87
N ALA B 175 -29.19 -16.45 -36.81
CA ALA B 175 -28.51 -17.68 -36.44
C ALA B 175 -28.82 -18.78 -37.46
N ILE B 176 -30.02 -18.73 -38.03
CA ILE B 176 -30.45 -19.70 -39.02
C ILE B 176 -29.71 -19.48 -40.35
N GLU B 177 -29.56 -18.21 -40.72
CA GLU B 177 -28.81 -17.86 -41.93
C GLU B 177 -27.36 -18.33 -41.84
N LYS B 178 -26.77 -18.20 -40.67
CA LYS B 178 -25.38 -18.61 -40.45
C LYS B 178 -25.25 -20.12 -40.33
N GLY B 179 -26.39 -20.80 -40.26
CA GLY B 179 -26.39 -22.26 -40.24
C GLY B 179 -26.04 -22.86 -38.89
N LEU B 180 -26.10 -22.04 -37.85
CA LEU B 180 -25.84 -22.52 -36.50
C LEU B 180 -26.98 -23.41 -36.02
N ILE B 181 -28.19 -23.03 -36.42
CA ILE B 181 -29.40 -23.77 -36.10
C ILE B 181 -30.39 -23.73 -37.27
N ASP B 182 -31.51 -24.42 -37.12
CA ASP B 182 -32.61 -24.32 -38.07
C ASP B 182 -33.93 -24.18 -37.29
N GLU B 183 -35.04 -24.14 -38.00
CA GLU B 183 -36.34 -23.86 -37.37
C GLU B 183 -36.74 -24.90 -36.33
N SER B 184 -36.39 -26.15 -36.58
CA SER B 184 -36.67 -27.22 -35.62
C SER B 184 -35.95 -26.97 -34.31
N LYS B 185 -34.65 -26.70 -34.39
CA LYS B 185 -33.84 -26.47 -33.19
C LYS B 185 -34.19 -25.14 -32.53
N ALA B 186 -34.52 -24.14 -33.34
CA ALA B 186 -34.82 -22.81 -32.85
C ALA B 186 -36.12 -22.75 -32.03
N ALA B 187 -37.02 -23.68 -32.30
CA ALA B 187 -38.33 -23.70 -31.63
C ALA B 187 -38.20 -24.10 -30.17
N THR B 188 -37.16 -24.86 -29.86
CA THR B 188 -36.95 -25.38 -28.51
C THR B 188 -36.05 -24.50 -27.66
N LEU B 189 -35.45 -23.49 -28.30
CA LEU B 189 -34.48 -22.63 -27.63
C LEU B 189 -35.06 -21.85 -26.46
N SER B 190 -34.30 -21.82 -25.36
CA SER B 190 -34.66 -21.01 -24.21
C SER B 190 -34.16 -19.58 -24.41
N ASP B 191 -34.72 -18.64 -23.65
CA ASP B 191 -34.33 -17.23 -23.77
C ASP B 191 -32.85 -17.03 -23.49
N GLN B 192 -32.29 -17.85 -22.60
CA GLN B 192 -30.87 -17.79 -22.32
C GLN B 192 -30.07 -18.29 -23.51
N GLU B 193 -30.50 -19.41 -24.08
CA GLU B 193 -29.84 -19.98 -25.26
C GLU B 193 -29.87 -18.99 -26.42
N ILE B 194 -30.98 -18.29 -26.56
CA ILE B 194 -31.15 -17.32 -27.63
C ILE B 194 -30.19 -16.15 -27.49
N LEU B 195 -30.18 -15.55 -26.30
CA LEU B 195 -29.37 -14.36 -26.05
C LEU B 195 -27.87 -14.68 -26.04
N ASN B 196 -27.53 -15.92 -25.75
CA ASN B 196 -26.12 -16.34 -25.74
C ASN B 196 -25.47 -16.26 -27.12
N PHE B 197 -26.29 -16.15 -28.16
CA PHE B 197 -25.78 -15.98 -29.52
C PHE B 197 -25.03 -14.66 -29.65
N LEU B 198 -25.41 -13.68 -28.82
CA LEU B 198 -24.77 -12.38 -28.84
C LEU B 198 -23.30 -12.49 -28.42
N PHE B 199 -22.98 -13.55 -27.70
CA PHE B 199 -21.62 -13.79 -27.22
C PHE B 199 -20.80 -14.59 -28.23
N VAL B 200 -21.45 -15.10 -29.27
CA VAL B 200 -20.75 -15.77 -30.35
C VAL B 200 -19.88 -14.77 -31.09
N PRO B 201 -18.57 -15.08 -31.22
CA PRO B 201 -17.52 -14.20 -31.75
C PRO B 201 -17.88 -13.45 -33.04
N GLY B 202 -18.49 -14.12 -34.02
CA GLY B 202 -18.80 -13.48 -35.28
C GLY B 202 -20.28 -13.32 -35.54
N PHE B 203 -21.06 -13.17 -34.48
CA PHE B 203 -22.52 -13.16 -34.60
C PHE B 203 -23.11 -11.76 -34.73
N SER B 204 -23.01 -10.99 -33.65
CA SER B 204 -23.75 -9.75 -33.52
C SER B 204 -23.31 -8.64 -34.49
N THR B 205 -22.27 -8.92 -35.27
CA THR B 205 -21.82 -7.93 -36.25
C THR B 205 -21.97 -8.45 -37.67
N LYS B 206 -21.97 -7.53 -38.62
CA LYS B 206 -22.02 -7.89 -40.05
C LYS B 206 -20.62 -7.80 -40.67
N GLU B 207 -19.69 -7.22 -39.92
CA GLU B 207 -18.40 -6.82 -40.48
C GLU B 207 -17.22 -7.71 -40.08
N LYS B 208 -16.67 -7.44 -38.91
CA LYS B 208 -15.34 -7.93 -38.53
C LYS B 208 -15.33 -9.33 -37.95
N VAL B 209 -14.71 -10.27 -38.65
CA VAL B 209 -14.58 -11.64 -38.13
C VAL B 209 -13.29 -12.37 -38.56
N SER B 210 -13.11 -12.62 -39.85
CA SER B 210 -12.06 -13.52 -40.32
C SER B 210 -10.66 -12.98 -40.10
N GLU B 211 -10.18 -12.16 -41.02
CA GLU B 211 -8.86 -11.58 -40.93
C GLU B 211 -8.94 -10.08 -40.66
N VAL B 212 -9.17 -9.72 -39.41
CA VAL B 212 -9.15 -8.33 -39.00
C VAL B 212 -8.28 -8.17 -37.76
N SER B 213 -8.63 -8.91 -36.71
CA SER B 213 -7.91 -8.82 -35.44
C SER B 213 -8.14 -10.05 -34.58
N GLY B 214 -7.61 -9.99 -33.36
CA GLY B 214 -8.01 -10.89 -32.29
C GLY B 214 -8.75 -10.01 -31.30
N ARG B 215 -8.57 -8.70 -31.49
CA ARG B 215 -9.18 -7.70 -30.62
C ARG B 215 -10.22 -6.87 -31.35
N GLY B 216 -11.47 -6.96 -30.89
CA GLY B 216 -12.55 -6.22 -31.50
C GLY B 216 -13.54 -5.72 -30.47
N VAL B 217 -14.33 -4.73 -30.87
CA VAL B 217 -15.42 -4.23 -30.05
C VAL B 217 -16.66 -5.10 -30.26
N GLY B 218 -17.23 -5.59 -29.17
CA GLY B 218 -18.40 -6.46 -29.27
C GLY B 218 -18.69 -7.20 -27.98
N MET B 219 -19.87 -7.79 -27.90
CA MET B 219 -20.29 -8.52 -26.71
C MET B 219 -19.50 -9.82 -26.52
N ASP B 220 -18.79 -10.24 -27.56
CA ASP B 220 -17.99 -11.46 -27.49
C ASP B 220 -16.75 -11.26 -26.64
N VAL B 221 -16.08 -10.12 -26.81
CA VAL B 221 -14.87 -9.83 -26.05
C VAL B 221 -15.22 -9.38 -24.64
N VAL B 222 -16.45 -8.90 -24.47
CA VAL B 222 -16.93 -8.49 -23.16
C VAL B 222 -17.05 -9.72 -22.26
N LYS B 223 -17.47 -10.84 -22.84
CA LYS B 223 -17.59 -12.08 -22.08
C LYS B 223 -16.23 -12.64 -21.71
N ASN B 224 -15.30 -12.59 -22.67
CA ASN B 224 -13.95 -13.10 -22.46
C ASN B 224 -13.24 -12.38 -21.32
N VAL B 225 -13.43 -11.07 -21.25
CA VAL B 225 -12.89 -10.26 -20.17
C VAL B 225 -13.46 -10.69 -18.83
N VAL B 226 -14.77 -10.95 -18.81
CA VAL B 226 -15.45 -11.38 -17.60
C VAL B 226 -14.90 -12.70 -17.06
N GLU B 227 -14.74 -13.68 -17.95
CA GLU B 227 -14.24 -14.97 -17.52
C GLU B 227 -12.71 -15.03 -17.59
N SER B 228 -12.09 -13.89 -17.90
CA SER B 228 -10.65 -13.74 -17.70
C SER B 228 -10.43 -13.46 -16.22
N LEU B 229 -11.49 -12.99 -15.56
CA LEU B 229 -11.51 -12.80 -14.13
C LEU B 229 -12.17 -14.00 -13.46
N ASN B 230 -12.42 -15.04 -14.25
CA ASN B 230 -13.13 -16.24 -13.80
C ASN B 230 -14.51 -15.91 -13.23
N GLY B 231 -15.22 -15.02 -13.92
CA GLY B 231 -16.56 -14.65 -13.52
C GLY B 231 -17.60 -15.19 -14.50
N SER B 232 -18.80 -14.62 -14.46
CA SER B 232 -19.88 -15.05 -15.35
C SER B 232 -20.79 -13.87 -15.71
N ILE B 233 -21.25 -13.85 -16.96
CA ILE B 233 -22.12 -12.78 -17.43
C ILE B 233 -23.44 -13.34 -17.97
N SER B 234 -24.53 -12.61 -17.75
CA SER B 234 -25.85 -13.07 -18.13
C SER B 234 -26.70 -11.93 -18.70
N ILE B 235 -27.65 -12.28 -19.57
CA ILE B 235 -28.52 -11.26 -20.17
C ILE B 235 -30.00 -11.63 -20.04
N GLU B 236 -30.80 -10.64 -19.66
CA GLU B 236 -32.25 -10.80 -19.60
C GLU B 236 -32.91 -9.60 -20.27
N SER B 237 -33.76 -9.86 -21.26
CA SER B 237 -34.44 -8.79 -21.97
C SER B 237 -35.86 -9.16 -22.37
N GLU B 238 -36.83 -8.52 -21.74
CA GLU B 238 -38.20 -8.61 -22.22
C GLU B 238 -38.42 -7.57 -23.31
N LYS B 239 -39.41 -7.80 -24.15
CA LYS B 239 -39.63 -6.97 -25.32
C LYS B 239 -40.41 -5.71 -24.96
N ASP B 240 -39.82 -4.56 -25.29
CA ASP B 240 -40.33 -3.23 -24.94
C ASP B 240 -40.27 -2.93 -23.43
N LYS B 241 -39.85 -3.91 -22.64
CA LYS B 241 -39.61 -3.69 -21.22
C LYS B 241 -38.25 -3.04 -21.01
N GLY B 242 -37.21 -3.71 -21.51
CA GLY B 242 -35.85 -3.24 -21.37
C GLY B 242 -34.83 -4.36 -21.37
N THR B 243 -33.57 -4.00 -21.19
CA THR B 243 -32.48 -4.97 -21.17
C THR B 243 -31.76 -4.92 -19.83
N LYS B 244 -31.46 -6.10 -19.27
CA LYS B 244 -30.79 -6.18 -17.98
C LYS B 244 -29.59 -7.12 -18.05
N VAL B 245 -28.39 -6.54 -18.08
CA VAL B 245 -27.17 -7.34 -18.15
C VAL B 245 -26.57 -7.53 -16.76
N THR B 246 -26.13 -8.76 -16.47
CA THR B 246 -25.64 -9.08 -15.14
C THR B 246 -24.24 -9.71 -15.18
N ILE B 247 -23.31 -9.14 -14.42
CA ILE B 247 -21.96 -9.67 -14.29
C ILE B 247 -21.67 -10.09 -12.86
N ARG B 248 -21.21 -11.32 -12.68
CA ARG B 248 -20.88 -11.82 -11.35
C ARG B 248 -19.39 -12.15 -11.23
N LEU B 249 -18.74 -11.54 -10.26
CA LEU B 249 -17.30 -11.72 -10.06
C LEU B 249 -17.00 -12.34 -8.70
N PRO B 250 -15.97 -13.20 -8.65
CA PRO B 250 -15.62 -13.95 -7.43
C PRO B 250 -14.99 -13.09 -6.34
N LEU B 251 -14.67 -13.72 -5.21
CA LEU B 251 -13.97 -13.04 -4.12
C LEU B 251 -12.81 -13.89 -3.62
N THR B 252 -13.12 -15.03 -3.01
CA THR B 252 -12.10 -15.95 -2.51
C THR B 252 -12.44 -17.40 -2.87
PG ACP C . 15.92 18.65 29.30
O1G ACP C . 16.39 20.08 29.47
O2G ACP C . 15.34 18.09 30.55
O3G ACP C . 15.12 18.39 28.03
PB ACP C . 18.04 16.70 29.74
O1B ACP C . 18.09 17.24 31.11
O2B ACP C . 17.34 15.38 29.68
C3B ACP C . 17.15 17.59 28.71
PA ACP C . 20.55 15.41 28.49
O1A ACP C . 20.94 14.16 29.17
O2A ACP C . 19.81 15.29 27.17
O3A ACP C . 19.63 16.36 29.41
O5' ACP C . 21.64 16.52 28.09
C5' ACP C . 22.70 16.69 29.05
C4' ACP C . 23.75 17.82 29.14
O4' ACP C . 24.30 17.99 27.87
C3' ACP C . 22.77 18.94 29.29
O3' ACP C . 22.27 19.05 30.60
C2' ACP C . 23.54 20.11 28.68
O2' ACP C . 24.35 20.75 29.64
C1' ACP C . 24.24 19.39 27.61
N9 ACP C . 23.69 19.47 26.20
C8 ACP C . 22.94 18.63 25.46
N7 ACP C . 22.68 18.98 24.20
C5 ACP C . 23.25 20.19 24.16
C6 ACP C . 23.35 21.20 23.15
N6 ACP C . 22.70 21.16 21.94
N1 ACP C . 24.11 22.32 23.39
C2 ACP C . 24.60 22.56 24.62
N3 ACP C . 24.57 21.66 25.63
C4 ACP C . 23.88 20.51 25.36
PB ADP D . -22.36 -3.09 -31.53
O1B ADP D . -22.99 -2.30 -30.41
O2B ADP D . -23.36 -3.80 -32.42
O3B ADP D . -21.27 -2.36 -32.27
PA ADP D . -22.22 -5.11 -29.54
O1A ADP D . -21.96 -4.32 -28.27
O2A ADP D . -21.77 -6.55 -29.63
O3A ADP D . -21.58 -4.28 -30.77
O5' ADP D . -23.81 -5.11 -29.80
C5' ADP D . -24.41 -6.22 -30.47
C4' ADP D . -25.91 -6.04 -30.68
O4' ADP D . -26.63 -6.31 -29.47
C3' ADP D . -26.28 -4.63 -31.13
O3' ADP D . -26.46 -4.58 -32.54
C2' ADP D . -27.57 -4.32 -30.40
O2' ADP D . -28.66 -4.34 -31.33
C1' ADP D . -27.76 -5.42 -29.37
N9 ADP D . -27.81 -4.84 -28.00
C8 ADP D . -26.76 -4.79 -27.15
N7 ADP D . -27.10 -4.20 -25.98
C5 ADP D . -28.41 -3.86 -26.06
C6 ADP D . -29.40 -3.20 -25.18
N6 ADP D . -29.06 -2.78 -23.93
N1 ADP D . -30.66 -3.04 -25.65
C2 ADP D . -31.00 -3.45 -26.88
N3 ADP D . -30.15 -4.05 -27.74
C4 ADP D . -28.86 -4.29 -27.40
#